data_8PNC
#
_entry.id   8PNC
#
_cell.length_a   39.519
_cell.length_b   123.711
_cell.length_c   62.365
_cell.angle_alpha   90.000
_cell.angle_beta   93.940
_cell.angle_gamma   90.000
#
_symmetry.space_group_name_H-M   'P 1 21 1'
#
loop_
_entity.id
_entity.type
_entity.pdbx_description
1 polymer DNA
2 polymer 'BarH-like 2 homeobox protein'
3 polymer DNA
4 water water
#
loop_
_entity_poly.entity_id
_entity_poly.type
_entity_poly.pdbx_seq_one_letter_code
_entity_poly.pdbx_strand_id
1 'polydeoxyribonucleotide' (DC)(DG)(DC)(DT)(DA)(DA)(DG)(DT)(DG)(DG)(DT)(DT) B,C,G,J
2 'polypeptide(L)' KPRKARTAFSDHQLNQLERSFERQKYLSVQDRMDLAAALNLTDTQVKTWYQNRRTKWKRQTA A,E,H,K
3 'polydeoxyribonucleotide' (DA)(DA)(DC)(DC)(DA)(DC)(DT)(DT)(DA)(DG)(DC)(DG) D,F,I,L
#
loop_
_chem_comp.id
_chem_comp.type
_chem_comp.name
_chem_comp.formula
DA DNA linking 2'-DEOXYADENOSINE-5'-MONOPHOSPHATE 'C10 H14 N5 O6 P'
DC DNA linking 2'-DEOXYCYTIDINE-5'-MONOPHOSPHATE 'C9 H14 N3 O7 P'
DG DNA linking 2'-DEOXYGUANOSINE-5'-MONOPHOSPHATE 'C10 H14 N5 O7 P'
DT DNA linking THYMIDINE-5'-MONOPHOSPHATE 'C10 H15 N2 O8 P'
#
# COMPACT_ATOMS: atom_id res chain seq x y z
N PRO B 2 1.54 -13.12 18.15
CA PRO B 2 0.95 -12.70 16.86
C PRO B 2 1.90 -13.00 15.68
N ARG B 3 1.46 -13.71 14.62
CA ARG B 3 2.21 -13.77 13.33
C ARG B 3 2.46 -12.33 12.83
N LYS B 4 3.60 -12.03 12.21
CA LYS B 4 3.74 -10.75 11.47
C LYS B 4 2.82 -10.82 10.25
N ALA B 5 2.26 -9.69 9.82
CA ALA B 5 1.42 -9.61 8.61
C ALA B 5 2.29 -9.99 7.41
N ARG B 6 1.68 -10.68 6.47
CA ARG B 6 2.26 -11.12 5.19
C ARG B 6 2.61 -9.87 4.37
N THR B 7 3.89 -9.66 4.07
CA THR B 7 4.36 -8.59 3.16
C THR B 7 3.72 -8.77 1.77
N ALA B 8 3.14 -7.72 1.24
CA ALA B 8 2.78 -7.59 -0.19
C ALA B 8 3.93 -6.85 -0.89
N PHE B 9 4.77 -7.55 -1.63
CA PHE B 9 5.91 -6.96 -2.37
C PHE B 9 5.36 -6.11 -3.52
N SER B 10 5.94 -4.94 -3.79
CA SER B 10 5.68 -4.14 -5.03
C SER B 10 6.23 -4.88 -6.26
N ASP B 11 5.76 -4.51 -7.46
CA ASP B 11 6.34 -5.02 -8.73
C ASP B 11 7.85 -4.76 -8.68
N HIS B 12 8.23 -3.53 -8.35
CA HIS B 12 9.65 -3.10 -8.35
C HIS B 12 10.46 -4.09 -7.45
N GLN B 13 9.95 -4.40 -6.24
CA GLN B 13 10.70 -5.20 -5.26
C GLN B 13 10.86 -6.63 -5.78
N LEU B 14 9.78 -7.25 -6.26
CA LEU B 14 9.82 -8.62 -6.84
C LEU B 14 10.74 -8.66 -8.07
N ASN B 15 10.64 -7.68 -8.96
CA ASN B 15 11.50 -7.60 -10.16
C ASN B 15 12.98 -7.63 -9.73
N GLN B 16 13.38 -6.75 -8.79
CA GLN B 16 14.79 -6.65 -8.36
C GLN B 16 15.19 -7.89 -7.56
N LEU B 17 14.28 -8.45 -6.77
CA LEU B 17 14.62 -9.67 -5.99
C LEU B 17 14.88 -10.81 -6.98
N GLU B 18 14.03 -10.98 -7.97
CA GLU B 18 14.21 -12.07 -8.97
C GLU B 18 15.52 -11.83 -9.74
N ARG B 19 15.82 -10.59 -10.13
CA ARG B 19 17.08 -10.29 -10.86
C ARG B 19 18.27 -10.68 -9.97
N SER B 20 18.22 -10.27 -8.70
CA SER B 20 19.32 -10.61 -7.76
C SER B 20 19.48 -12.14 -7.69
N PHE B 21 18.35 -12.86 -7.59
CA PHE B 21 18.36 -14.34 -7.41
C PHE B 21 18.93 -15.02 -8.64
N GLU B 22 18.61 -14.51 -9.84
N GLU B 22 18.61 -14.51 -9.84
CA GLU B 22 19.11 -15.10 -11.13
CA GLU B 22 19.10 -15.10 -11.12
C GLU B 22 20.62 -14.92 -11.20
C GLU B 22 20.62 -14.92 -11.20
N ARG B 23 21.16 -13.84 -10.60
CA ARG B 23 22.62 -13.59 -10.57
C ARG B 23 23.30 -14.41 -9.47
N GLN B 24 22.72 -14.48 -8.27
CA GLN B 24 23.37 -15.12 -7.09
C GLN B 24 22.31 -15.81 -6.24
N LYS B 25 22.43 -17.11 -6.06
CA LYS B 25 21.44 -17.93 -5.30
C LYS B 25 21.62 -17.68 -3.81
N TYR B 26 22.80 -17.22 -3.41
CA TYR B 26 23.11 -16.82 -2.03
C TYR B 26 23.75 -15.43 -2.08
N LEU B 27 23.47 -14.64 -1.05
CA LEU B 27 24.05 -13.29 -0.87
C LEU B 27 24.88 -13.37 0.41
N SER B 28 26.03 -12.69 0.40
CA SER B 28 26.77 -12.28 1.61
C SER B 28 25.87 -11.40 2.48
N VAL B 29 26.26 -11.24 3.73
CA VAL B 29 25.53 -10.37 4.70
C VAL B 29 25.45 -8.97 4.09
N GLN B 30 26.57 -8.48 3.54
CA GLN B 30 26.69 -7.09 3.04
C GLN B 30 25.81 -6.93 1.80
N ASP B 31 25.83 -7.89 0.87
CA ASP B 31 24.95 -7.82 -0.33
C ASP B 31 23.48 -7.88 0.09
N ARG B 32 23.14 -8.71 1.07
CA ARG B 32 21.73 -8.84 1.57
C ARG B 32 21.29 -7.48 2.11
N MET B 33 22.11 -6.86 2.95
CA MET B 33 21.79 -5.55 3.58
C MET B 33 21.68 -4.46 2.50
N ASP B 34 22.58 -4.49 1.51
CA ASP B 34 22.60 -3.48 0.42
C ASP B 34 21.30 -3.60 -0.37
N LEU B 35 20.92 -4.83 -0.74
CA LEU B 35 19.69 -5.06 -1.51
C LEU B 35 18.45 -4.59 -0.74
N ALA B 36 18.38 -4.91 0.56
CA ALA B 36 17.25 -4.52 1.44
C ALA B 36 17.10 -3.01 1.43
N ALA B 37 18.21 -2.31 1.64
CA ALA B 37 18.24 -0.84 1.66
C ALA B 37 17.72 -0.28 0.32
N ALA B 38 18.25 -0.81 -0.80
CA ALA B 38 17.93 -0.33 -2.16
C ALA B 38 16.43 -0.53 -2.41
N LEU B 39 15.84 -1.61 -1.90
CA LEU B 39 14.42 -1.91 -2.17
C LEU B 39 13.50 -1.42 -1.05
N ASN B 40 14.02 -0.71 -0.04
CA ASN B 40 13.18 -0.22 1.10
CA ASN B 40 13.20 -0.22 1.10
C ASN B 40 12.48 -1.43 1.70
N LEU B 41 13.23 -2.51 1.93
CA LEU B 41 12.75 -3.69 2.66
C LEU B 41 13.61 -3.81 3.92
N THR B 42 13.19 -4.57 4.92
CA THR B 42 14.07 -4.98 6.05
C THR B 42 15.03 -6.08 5.60
N ASP B 43 16.16 -6.16 6.30
CA ASP B 43 17.14 -7.26 6.17
C ASP B 43 16.39 -8.62 6.22
N THR B 44 15.49 -8.76 7.18
CA THR B 44 14.76 -10.02 7.43
C THR B 44 13.85 -10.31 6.24
N GLN B 45 13.13 -9.31 5.70
CA GLN B 45 12.23 -9.53 4.55
C GLN B 45 13.04 -10.12 3.38
N VAL B 46 14.22 -9.57 3.12
CA VAL B 46 15.09 -10.07 2.03
C VAL B 46 15.62 -11.47 2.37
N LYS B 47 16.09 -11.67 3.59
CA LYS B 47 16.66 -12.98 3.99
C LYS B 47 15.60 -14.06 3.79
N THR B 48 14.41 -13.77 4.28
CA THR B 48 13.22 -14.64 4.20
C THR B 48 12.88 -14.89 2.72
N TRP B 49 12.85 -13.87 1.89
CA TRP B 49 12.51 -14.01 0.46
C TRP B 49 13.56 -14.89 -0.22
N TYR B 50 14.86 -14.67 0.05
CA TYR B 50 15.96 -15.49 -0.52
C TYR B 50 15.61 -16.93 -0.15
N GLN B 51 15.33 -17.18 1.12
CA GLN B 51 15.25 -18.57 1.64
C GLN B 51 14.09 -19.28 0.97
N ASN B 52 12.94 -18.61 0.89
CA ASN B 52 11.72 -19.18 0.30
C ASN B 52 11.96 -19.35 -1.20
N ARG B 53 12.71 -18.44 -1.80
CA ARG B 53 13.03 -18.53 -3.24
C ARG B 53 13.94 -19.75 -3.48
N ARG B 54 14.88 -20.07 -2.58
CA ARG B 54 15.75 -21.27 -2.73
C ARG B 54 14.86 -22.53 -2.63
N THR B 55 13.83 -22.53 -1.79
CA THR B 55 12.86 -23.67 -1.70
C THR B 55 12.20 -23.90 -3.06
N LYS B 56 11.67 -22.83 -3.65
CA LYS B 56 10.99 -22.89 -4.96
C LYS B 56 11.99 -23.37 -6.01
N TRP B 57 13.21 -22.83 -5.96
CA TRP B 57 14.28 -23.19 -6.91
C TRP B 57 14.57 -24.70 -6.80
N LYS B 58 14.54 -25.29 -5.61
CA LYS B 58 14.79 -26.74 -5.46
C LYS B 58 13.61 -27.55 -6.00
N ARG B 59 12.37 -27.08 -5.75
N ARG B 59 12.37 -27.09 -5.76
CA ARG B 59 11.14 -27.78 -6.24
CA ARG B 59 11.14 -27.77 -6.22
C ARG B 59 11.18 -27.81 -7.77
C ARG B 59 11.17 -27.80 -7.76
N GLN B 60 11.51 -26.68 -8.41
CA GLN B 60 11.40 -26.53 -9.88
C GLN B 60 12.58 -27.21 -10.61
N THR B 61 13.71 -27.38 -9.92
CA THR B 61 14.90 -28.17 -10.38
C THR B 61 14.62 -29.67 -10.27
N ALA B 62 13.62 -30.09 -9.46
CA ALA B 62 13.03 -31.44 -9.45
C ALA B 62 14.10 -32.48 -9.13
N PRO E 2 -2.14 28.11 -4.59
CA PRO E 2 -0.78 27.51 -4.57
C PRO E 2 -0.72 26.13 -3.91
N ARG E 3 -1.59 25.21 -4.32
CA ARG E 3 -1.83 23.91 -3.65
C ARG E 3 -0.80 22.86 -4.09
N LYS E 4 -0.53 21.87 -3.23
CA LYS E 4 0.17 20.64 -3.61
C LYS E 4 -0.62 19.91 -4.72
N ALA E 5 0.08 19.22 -5.60
CA ALA E 5 -0.52 18.35 -6.63
C ALA E 5 -1.23 17.21 -5.89
N ARG E 6 -2.38 16.81 -6.41
CA ARG E 6 -3.18 15.66 -5.95
C ARG E 6 -2.37 14.38 -6.18
N THR E 7 -1.94 13.66 -5.14
CA THR E 7 -1.24 12.37 -5.31
C THR E 7 -2.20 11.36 -5.95
N ALA E 8 -1.73 10.64 -6.96
CA ALA E 8 -2.36 9.45 -7.53
C ALA E 8 -1.69 8.25 -6.87
N PHE E 9 -2.39 7.63 -5.92
CA PHE E 9 -1.90 6.42 -5.24
C PHE E 9 -1.86 5.27 -6.25
N SER E 10 -0.82 4.43 -6.23
CA SER E 10 -0.77 3.14 -6.99
C SER E 10 -1.82 2.18 -6.46
N ASP E 11 -2.16 1.14 -7.22
CA ASP E 11 -3.06 0.06 -6.74
C ASP E 11 -2.42 -0.49 -5.47
N HIS E 12 -1.10 -0.73 -5.49
CA HIS E 12 -0.37 -1.34 -4.36
C HIS E 12 -0.59 -0.47 -3.11
N GLN E 13 -0.46 0.86 -3.25
CA GLN E 13 -0.54 1.79 -2.08
C GLN E 13 -1.97 1.84 -1.54
N LEU E 14 -2.98 1.94 -2.41
CA LEU E 14 -4.42 1.90 -2.00
C LEU E 14 -4.74 0.55 -1.32
N ASN E 15 -4.31 -0.56 -1.90
CA ASN E 15 -4.53 -1.92 -1.35
CA ASN E 15 -4.52 -1.92 -1.35
C ASN E 15 -3.99 -1.96 0.10
N GLN E 16 -2.73 -1.53 0.30
CA GLN E 16 -2.05 -1.62 1.63
C GLN E 16 -2.70 -0.64 2.59
N LEU E 17 -3.12 0.53 2.10
CA LEU E 17 -3.78 1.53 2.97
C LEU E 17 -5.10 0.94 3.47
N GLU E 18 -5.88 0.36 2.58
CA GLU E 18 -7.19 -0.20 2.96
CA GLU E 18 -7.19 -0.21 2.98
C GLU E 18 -6.96 -1.39 3.91
N ARG E 19 -5.95 -2.23 3.66
CA ARG E 19 -5.68 -3.41 4.55
C ARG E 19 -5.34 -2.84 5.93
N SER E 20 -4.48 -1.81 6.00
CA SER E 20 -4.10 -1.20 7.30
C SER E 20 -5.38 -0.73 8.00
N PHE E 21 -6.29 -0.09 7.28
CA PHE E 21 -7.52 0.51 7.85
C PHE E 21 -8.43 -0.57 8.39
N GLU E 22 -8.54 -1.71 7.69
CA GLU E 22 -9.40 -2.83 8.14
C GLU E 22 -8.82 -3.44 9.43
N ARG E 23 -7.52 -3.35 9.64
CA ARG E 23 -6.86 -3.85 10.89
C ARG E 23 -7.00 -2.80 12.01
N GLN E 24 -6.79 -1.52 11.71
CA GLN E 24 -6.70 -0.45 12.75
C GLN E 24 -7.31 0.84 12.20
N LYS E 25 -8.33 1.36 12.87
CA LYS E 25 -8.99 2.63 12.49
C LYS E 25 -8.08 3.85 12.69
N TYR E 26 -7.11 3.71 13.58
CA TYR E 26 -6.08 4.73 13.86
C TYR E 26 -4.72 4.07 13.79
N LEU E 27 -3.70 4.85 13.43
CA LEU E 27 -2.28 4.43 13.56
C LEU E 27 -1.59 5.30 14.61
N SER E 28 -0.65 4.74 15.32
CA SER E 28 0.30 5.46 16.18
C SER E 28 1.24 6.23 15.26
N VAL E 29 1.94 7.18 15.79
CA VAL E 29 2.97 7.95 15.02
C VAL E 29 3.94 6.95 14.41
N GLN E 30 4.42 5.97 15.17
CA GLN E 30 5.47 5.02 14.74
C GLN E 30 4.90 4.12 13.65
N ASP E 31 3.68 3.62 13.78
CA ASP E 31 3.08 2.74 12.75
C ASP E 31 2.80 3.58 11.50
N ARG E 32 2.36 4.83 11.64
CA ARG E 32 2.10 5.72 10.48
C ARG E 32 3.42 5.90 9.74
N MET E 33 4.52 6.19 10.45
CA MET E 33 5.84 6.45 9.80
C MET E 33 6.35 5.16 9.15
N ASP E 34 6.16 4.02 9.81
CA ASP E 34 6.59 2.70 9.27
C ASP E 34 5.83 2.43 7.96
N LEU E 35 4.52 2.60 7.97
CA LEU E 35 3.66 2.37 6.79
C LEU E 35 4.05 3.30 5.63
N ALA E 36 4.26 4.59 5.91
CA ALA E 36 4.64 5.60 4.91
C ALA E 36 5.94 5.15 4.24
N ALA E 37 6.94 4.82 5.04
CA ALA E 37 8.26 4.39 4.54
C ALA E 37 8.09 3.14 3.68
N ALA E 38 7.32 2.14 4.14
CA ALA E 38 7.13 0.86 3.43
C ALA E 38 6.48 1.11 2.06
N LEU E 39 5.57 2.08 1.97
CA LEU E 39 4.84 2.40 0.72
C LEU E 39 5.49 3.51 -0.08
N ASN E 40 6.65 4.04 0.35
CA ASN E 40 7.29 5.20 -0.32
CA ASN E 40 7.30 5.21 -0.29
C ASN E 40 6.26 6.33 -0.41
N LEU E 41 5.54 6.60 0.66
CA LEU E 41 4.66 7.80 0.77
C LEU E 41 5.24 8.72 1.84
N THR E 42 4.79 9.97 1.91
CA THR E 42 5.11 10.85 3.04
C THR E 42 4.22 10.47 4.23
N ASP E 43 4.72 10.82 5.41
CA ASP E 43 3.97 10.77 6.68
C ASP E 43 2.63 11.48 6.48
N THR E 44 2.66 12.70 5.92
CA THR E 44 1.42 13.49 5.78
C THR E 44 0.46 12.77 4.80
N GLN E 45 0.93 12.18 3.70
CA GLN E 45 0.04 11.48 2.71
C GLN E 45 -0.73 10.36 3.45
N VAL E 46 -0.06 9.62 4.31
CA VAL E 46 -0.69 8.50 5.03
C VAL E 46 -1.63 9.08 6.07
N LYS E 47 -1.20 10.08 6.84
CA LYS E 47 -2.03 10.68 7.90
C LYS E 47 -3.31 11.19 7.25
N THR E 48 -3.16 11.96 6.18
CA THR E 48 -4.30 12.53 5.47
C THR E 48 -5.19 11.41 4.88
N TRP E 49 -4.62 10.36 4.31
CA TRP E 49 -5.45 9.26 3.78
C TRP E 49 -6.25 8.60 4.94
N TYR E 50 -5.62 8.37 6.09
CA TYR E 50 -6.30 7.76 7.29
C TYR E 50 -7.46 8.68 7.59
N GLN E 51 -7.20 10.00 7.67
CA GLN E 51 -8.19 10.94 8.21
C GLN E 51 -9.38 10.95 7.29
N ASN E 52 -9.14 11.06 6.00
CA ASN E 52 -10.21 11.08 4.96
C ASN E 52 -10.96 9.75 5.00
N ARG E 53 -10.23 8.66 5.21
CA ARG E 53 -10.85 7.30 5.26
C ARG E 53 -11.78 7.20 6.50
N ARG E 54 -11.43 7.82 7.64
CA ARG E 54 -12.32 7.81 8.84
C ARG E 54 -13.57 8.64 8.54
N THR E 55 -13.45 9.71 7.77
CA THR E 55 -14.64 10.52 7.35
C THR E 55 -15.59 9.63 6.51
N LYS E 56 -15.05 8.94 5.52
CA LYS E 56 -15.83 8.05 4.62
C LYS E 56 -16.46 6.95 5.49
N TRP E 57 -15.68 6.38 6.42
CA TRP E 57 -16.15 5.32 7.34
C TRP E 57 -17.35 5.82 8.10
N LYS E 58 -17.34 7.06 8.57
CA LYS E 58 -18.45 7.61 9.38
C LYS E 58 -19.67 7.77 8.49
N ARG E 59 -19.49 8.29 7.27
CA ARG E 59 -20.60 8.53 6.32
C ARG E 59 -21.28 7.19 6.02
N GLN E 60 -20.50 6.14 5.75
CA GLN E 60 -21.05 4.89 5.16
C GLN E 60 -21.64 3.99 6.26
N THR E 61 -21.22 4.20 7.50
CA THR E 61 -21.77 3.58 8.74
C THR E 61 -23.11 4.23 9.11
N ALA E 62 -23.36 5.46 8.63
CA ALA E 62 -24.66 6.19 8.77
C ALA E 62 -25.28 6.48 7.39
N LYS H 1 0.28 -3.31 -15.28
CA LYS H 1 0.25 -4.00 -16.58
C LYS H 1 -0.56 -3.09 -17.49
N PRO H 2 -1.88 -2.88 -17.27
CA PRO H 2 -2.66 -1.99 -18.15
C PRO H 2 -1.98 -0.61 -18.30
N ARG H 3 -1.58 -0.23 -19.52
CA ARG H 3 -1.11 1.12 -19.87
C ARG H 3 -2.31 2.07 -20.00
N LYS H 4 -2.15 3.34 -19.65
CA LYS H 4 -3.11 4.39 -19.99
C LYS H 4 -3.10 4.56 -21.51
N ALA H 5 -4.23 4.97 -22.08
CA ALA H 5 -4.35 5.38 -23.50
C ALA H 5 -3.38 6.53 -23.78
N ARG H 6 -2.76 6.50 -24.94
CA ARG H 6 -1.92 7.58 -25.51
C ARG H 6 -2.75 8.84 -25.73
N THR H 7 -2.55 9.91 -25.00
CA THR H 7 -3.25 11.20 -25.25
C THR H 7 -2.84 11.71 -26.65
N ALA H 8 -3.81 12.11 -27.43
CA ALA H 8 -3.62 12.88 -28.67
C ALA H 8 -3.85 14.34 -28.31
N PHE H 9 -2.80 15.13 -28.25
CA PHE H 9 -2.89 16.59 -27.98
C PHE H 9 -3.55 17.30 -29.16
N SER H 10 -4.46 18.24 -28.92
CA SER H 10 -5.03 19.14 -29.98
C SER H 10 -3.91 20.06 -30.51
N ASP H 11 -4.14 20.72 -31.65
CA ASP H 11 -3.23 21.76 -32.19
C ASP H 11 -3.06 22.80 -31.08
N HIS H 12 -4.16 23.22 -30.45
CA HIS H 12 -4.14 24.28 -29.41
C HIS H 12 -3.18 23.86 -28.30
N GLN H 13 -3.29 22.60 -27.84
CA GLN H 13 -2.50 22.12 -26.68
C GLN H 13 -1.01 22.08 -27.04
N LEU H 14 -0.68 21.52 -28.21
CA LEU H 14 0.73 21.46 -28.70
C LEU H 14 1.30 22.87 -28.89
N ASN H 15 0.54 23.77 -29.51
CA ASN H 15 0.98 25.18 -29.71
C ASN H 15 1.36 25.79 -28.36
N GLN H 16 0.44 25.73 -27.38
CA GLN H 16 0.64 26.38 -26.05
C GLN H 16 1.79 25.65 -25.32
N LEU H 17 1.89 24.31 -25.43
CA LEU H 17 2.97 23.62 -24.68
C LEU H 17 4.32 24.02 -25.27
N GLU H 18 4.42 24.06 -26.58
CA GLU H 18 5.72 24.42 -27.23
C GLU H 18 6.05 25.90 -26.90
N ARG H 19 5.06 26.77 -26.87
CA ARG H 19 5.34 28.20 -26.52
C ARG H 19 5.82 28.26 -25.08
N SER H 20 5.16 27.53 -24.18
CA SER H 20 5.56 27.46 -22.76
C SER H 20 7.01 26.99 -22.71
N PHE H 21 7.36 25.98 -23.47
CA PHE H 21 8.72 25.37 -23.40
C PHE H 21 9.78 26.34 -23.92
N GLU H 22 9.46 27.09 -24.95
CA GLU H 22 10.40 28.10 -25.55
CA GLU H 22 10.38 28.11 -25.57
C GLU H 22 10.63 29.21 -24.53
N ARG H 23 9.66 29.51 -23.67
CA ARG H 23 9.79 30.54 -22.61
C ARG H 23 10.52 29.98 -21.39
N GLN H 24 10.19 28.77 -20.95
CA GLN H 24 10.71 28.22 -19.66
C GLN H 24 10.94 26.72 -19.80
N LYS H 25 12.17 26.26 -19.65
CA LYS H 25 12.53 24.85 -19.84
C LYS H 25 12.03 24.03 -18.64
N TYR H 26 11.82 24.70 -17.50
CA TYR H 26 11.28 24.08 -16.28
C TYR H 26 10.10 24.94 -15.82
N LEU H 27 9.06 24.29 -15.27
CA LEU H 27 7.92 24.99 -14.63
C LEU H 27 7.95 24.72 -13.13
N SER H 28 7.55 25.69 -12.31
CA SER H 28 7.13 25.47 -10.90
C SER H 28 5.87 24.59 -10.88
N VAL H 29 5.58 24.04 -9.73
CA VAL H 29 4.36 23.21 -9.52
C VAL H 29 3.16 24.07 -9.92
N GLN H 30 3.12 25.32 -9.47
CA GLN H 30 1.93 26.20 -9.65
C GLN H 30 1.83 26.57 -11.13
N ASP H 31 2.93 26.85 -11.82
CA ASP H 31 2.87 27.15 -13.29
C ASP H 31 2.40 25.90 -14.04
N ARG H 32 2.90 24.72 -13.68
CA ARG H 32 2.51 23.43 -14.34
C ARG H 32 1.01 23.25 -14.16
N MET H 33 0.48 23.45 -12.95
CA MET H 33 -0.95 23.23 -12.64
C MET H 33 -1.79 24.28 -13.38
N ASP H 34 -1.32 25.52 -13.45
CA ASP H 34 -2.08 26.62 -14.12
C ASP H 34 -2.14 26.29 -15.61
N LEU H 35 -1.04 25.87 -16.21
CA LEU H 35 -0.99 25.49 -17.65
C LEU H 35 -1.95 24.33 -17.94
N ALA H 36 -1.93 23.30 -17.09
CA ALA H 36 -2.79 22.09 -17.22
C ALA H 36 -4.25 22.53 -17.24
N ALA H 37 -4.63 23.34 -16.26
CA ALA H 37 -6.01 23.84 -16.11
C ALA H 37 -6.41 24.62 -17.39
N ALA H 38 -5.54 25.53 -17.85
CA ALA H 38 -5.82 26.40 -19.03
C ALA H 38 -6.06 25.52 -20.25
N LEU H 39 -5.32 24.43 -20.39
CA LEU H 39 -5.40 23.53 -21.58
C LEU H 39 -6.34 22.33 -21.34
N ASN H 40 -7.07 22.28 -20.22
CA ASN H 40 -7.94 21.13 -19.87
C ASN H 40 -7.15 19.83 -20.02
N LEU H 41 -5.95 19.80 -19.47
CA LEU H 41 -5.11 18.58 -19.40
C LEU H 41 -4.94 18.27 -17.91
N THR H 42 -4.46 17.07 -17.58
CA THR H 42 -4.08 16.72 -16.19
C THR H 42 -2.70 17.32 -15.93
N ASP H 43 -2.45 17.53 -14.65
CA ASP H 43 -1.12 17.91 -14.10
C ASP H 43 -0.07 16.95 -14.62
N THR H 44 -0.38 15.66 -14.56
CA THR H 44 0.60 14.61 -14.97
C THR H 44 0.85 14.71 -16.47
N GLN H 45 -0.19 14.93 -17.29
CA GLN H 45 0.01 15.02 -18.76
C GLN H 45 1.01 16.14 -19.06
N VAL H 46 0.88 17.28 -18.40
CA VAL H 46 1.78 18.44 -18.65
C VAL H 46 3.17 18.10 -18.13
N LYS H 47 3.24 17.52 -16.92
CA LYS H 47 4.55 17.20 -16.31
C LYS H 47 5.32 16.26 -17.23
N THR H 48 4.62 15.23 -17.67
CA THR H 48 5.17 14.20 -18.59
C THR H 48 5.57 14.87 -19.92
N TRP H 49 4.76 15.75 -20.49
CA TRP H 49 5.10 16.42 -21.78
C TRP H 49 6.38 17.26 -21.57
N TYR H 50 6.51 18.01 -20.45
CA TYR H 50 7.71 18.82 -20.15
C TYR H 50 8.86 17.84 -20.19
N GLN H 51 8.73 16.70 -19.49
CA GLN H 51 9.89 15.84 -19.23
C GLN H 51 10.37 15.29 -20.55
N ASN H 52 9.45 14.79 -21.36
CA ASN H 52 9.76 14.16 -22.68
C ASN H 52 10.33 15.26 -23.60
N ARG H 53 9.81 16.49 -23.47
CA ARG H 53 10.32 17.61 -24.29
C ARG H 53 11.76 17.93 -23.90
N ARG H 54 12.11 17.89 -22.60
CA ARG H 54 13.53 18.17 -22.17
C ARG H 54 14.43 17.04 -22.67
N THR H 55 13.95 15.79 -22.76
CA THR H 55 14.75 14.69 -23.37
C THR H 55 15.09 15.04 -24.83
N LYS H 56 14.11 15.45 -25.62
CA LYS H 56 14.37 15.87 -27.02
C LYS H 56 15.34 17.09 -27.03
N TRP H 57 15.08 18.06 -26.17
CA TRP H 57 15.87 19.31 -26.13
C TRP H 57 17.35 18.99 -25.85
N LYS H 58 17.66 18.00 -25.00
CA LYS H 58 19.06 17.66 -24.67
C LYS H 58 19.60 16.52 -25.54
N ARG H 59 18.84 16.01 -26.51
CA ARG H 59 19.22 14.79 -27.28
C ARG H 59 20.50 15.13 -28.06
N GLN H 60 20.59 16.34 -28.62
CA GLN H 60 21.53 16.71 -29.72
C GLN H 60 22.93 17.08 -29.17
N LYS K 1 -21.25 -12.56 40.78
CA LYS K 1 -20.01 -12.92 41.56
C LYS K 1 -19.17 -13.86 40.68
N PRO K 2 -19.34 -15.22 40.67
CA PRO K 2 -18.31 -16.08 40.06
C PRO K 2 -18.03 -15.64 38.62
N ARG K 3 -16.80 -15.22 38.28
CA ARG K 3 -16.47 -14.92 36.85
C ARG K 3 -16.28 -16.25 36.12
N LYS K 4 -16.75 -16.32 34.87
CA LYS K 4 -16.42 -17.43 33.95
C LYS K 4 -14.91 -17.40 33.71
N ALA K 5 -14.31 -18.58 33.52
CA ALA K 5 -12.88 -18.75 33.22
C ALA K 5 -12.61 -18.07 31.89
N ARG K 6 -11.46 -17.42 31.81
CA ARG K 6 -10.94 -16.75 30.62
C ARG K 6 -10.67 -17.80 29.54
N THR K 7 -11.36 -17.74 28.41
CA THR K 7 -11.07 -18.64 27.24
C THR K 7 -9.67 -18.33 26.74
N ALA K 8 -8.83 -19.36 26.56
CA ALA K 8 -7.56 -19.27 25.82
C ALA K 8 -7.86 -19.71 24.38
N PHE K 9 -7.96 -18.79 23.45
CA PHE K 9 -8.22 -19.10 22.02
C PHE K 9 -7.01 -19.80 21.42
N SER K 10 -7.19 -20.84 20.58
CA SER K 10 -6.12 -21.45 19.75
C SER K 10 -5.62 -20.45 18.70
N ASP K 11 -4.44 -20.68 18.12
CA ASP K 11 -3.95 -19.92 16.94
C ASP K 11 -5.04 -19.97 15.89
N HIS K 12 -5.57 -21.17 15.61
CA HIS K 12 -6.57 -21.35 14.52
C HIS K 12 -7.76 -20.40 14.79
N GLN K 13 -8.25 -20.33 16.03
CA GLN K 13 -9.48 -19.58 16.35
C GLN K 13 -9.22 -18.08 16.20
N LEU K 14 -8.10 -17.58 16.73
CA LEU K 14 -7.68 -16.16 16.61
C LEU K 14 -7.47 -15.81 15.12
N ASN K 15 -6.79 -16.67 14.35
CA ASN K 15 -6.54 -16.47 12.90
C ASN K 15 -7.88 -16.29 12.20
N GLN K 16 -8.83 -17.20 12.40
CA GLN K 16 -10.14 -17.19 11.68
C GLN K 16 -10.94 -15.98 12.16
N LEU K 17 -10.89 -15.66 13.47
CA LEU K 17 -11.68 -14.53 14.00
C LEU K 17 -11.12 -13.24 13.38
N GLU K 18 -9.81 -13.10 13.32
CA GLU K 18 -9.17 -11.87 12.79
C GLU K 18 -9.50 -11.77 11.30
N ARG K 19 -9.47 -12.88 10.55
CA ARG K 19 -9.79 -12.83 9.10
C ARG K 19 -11.25 -12.42 8.95
N SER K 20 -12.14 -12.98 9.76
CA SER K 20 -13.57 -12.60 9.69
C SER K 20 -13.67 -11.07 9.95
N PHE K 21 -12.96 -10.58 10.96
CA PHE K 21 -13.05 -9.16 11.39
C PHE K 21 -12.53 -8.24 10.31
N GLU K 22 -11.47 -8.62 9.60
CA GLU K 22 -10.86 -7.81 8.52
C GLU K 22 -11.86 -7.69 7.37
N ARG K 23 -12.68 -8.70 7.16
CA ARG K 23 -13.72 -8.70 6.09
C ARG K 23 -14.97 -7.95 6.57
N GLN K 24 -15.43 -8.19 7.80
CA GLN K 24 -16.72 -7.63 8.27
C GLN K 24 -16.59 -7.22 9.73
N LYS K 25 -16.79 -5.93 10.02
CA LYS K 25 -16.63 -5.41 11.40
C LYS K 25 -17.84 -5.82 12.22
N TYR K 26 -18.96 -6.13 11.56
CA TYR K 26 -20.19 -6.63 12.24
C TYR K 26 -20.69 -7.90 11.57
N LEU K 27 -21.26 -8.83 12.34
CA LEU K 27 -21.81 -10.10 11.82
C LEU K 27 -23.29 -10.12 12.09
N SER K 28 -24.06 -10.77 11.22
CA SER K 28 -25.46 -11.14 11.49
C SER K 28 -25.47 -12.19 12.59
N VAL K 29 -26.62 -12.37 13.23
CA VAL K 29 -26.77 -13.40 14.28
C VAL K 29 -26.41 -14.75 13.65
N GLN K 30 -26.89 -15.03 12.44
CA GLN K 30 -26.70 -16.33 11.77
C GLN K 30 -25.22 -16.53 11.45
N ASP K 31 -24.52 -15.52 10.92
CA ASP K 31 -23.08 -15.64 10.60
C ASP K 31 -22.27 -15.80 11.89
N ARG K 32 -22.65 -15.10 12.94
CA ARG K 32 -21.94 -15.22 14.25
C ARG K 32 -22.07 -16.66 14.76
N MET K 33 -23.28 -17.22 14.70
CA MET K 33 -23.54 -18.60 15.19
C MET K 33 -22.80 -19.61 14.32
N ASP K 34 -22.77 -19.38 13.01
CA ASP K 34 -22.10 -20.28 12.04
C ASP K 34 -20.59 -20.27 12.33
N LEU K 35 -20.01 -19.08 12.52
CA LEU K 35 -18.57 -18.95 12.81
C LEU K 35 -18.21 -19.68 14.14
N ALA K 36 -19.04 -19.49 15.17
CA ALA K 36 -18.84 -20.11 16.50
C ALA K 36 -18.80 -21.63 16.34
N ALA K 37 -19.79 -22.17 15.63
CA ALA K 37 -19.90 -23.62 15.37
C ALA K 37 -18.64 -24.10 14.66
N ALA K 38 -18.20 -23.38 13.62
CA ALA K 38 -17.06 -23.79 12.76
C ALA K 38 -15.80 -23.84 13.62
N LEU K 39 -15.66 -22.92 14.58
CA LEU K 39 -14.45 -22.86 15.44
C LEU K 39 -14.63 -23.64 16.75
N ASN K 40 -15.76 -24.32 16.98
CA ASN K 40 -16.06 -24.99 18.28
C ASN K 40 -15.88 -24.00 19.43
N LEU K 41 -16.47 -22.83 19.27
CA LEU K 41 -16.61 -21.82 20.34
C LEU K 41 -18.09 -21.67 20.64
N THR K 42 -18.44 -21.06 21.78
CA THR K 42 -19.84 -20.64 22.02
C THR K 42 -20.16 -19.38 21.21
N ASP K 43 -21.44 -19.20 20.92
CA ASP K 43 -21.98 -17.97 20.30
C ASP K 43 -21.49 -16.77 21.14
N THR K 44 -21.60 -16.86 22.46
CA THR K 44 -21.22 -15.74 23.35
C THR K 44 -19.71 -15.46 23.21
N GLN K 45 -18.84 -16.49 23.16
CA GLN K 45 -17.38 -16.26 23.04
C GLN K 45 -17.12 -15.45 21.76
N VAL K 46 -17.77 -15.78 20.66
CA VAL K 46 -17.54 -15.09 19.36
C VAL K 46 -18.12 -13.68 19.46
N LYS K 47 -19.32 -13.55 20.03
CA LYS K 47 -19.97 -12.23 20.16
C LYS K 47 -19.08 -11.28 20.95
N THR K 48 -18.58 -11.80 22.06
CA THR K 48 -17.70 -11.09 22.99
C THR K 48 -16.40 -10.73 22.24
N TRP K 49 -15.83 -11.68 21.51
CA TRP K 49 -14.56 -11.42 20.80
C TRP K 49 -14.79 -10.31 19.76
N TYR K 50 -15.90 -10.36 19.00
CA TYR K 50 -16.24 -9.31 18.00
C TYR K 50 -16.20 -7.98 18.77
N GLN K 51 -16.93 -7.92 19.87
CA GLN K 51 -17.22 -6.65 20.57
C GLN K 51 -15.90 -6.05 21.05
N ASN K 52 -15.07 -6.87 21.69
CA ASN K 52 -13.78 -6.40 22.25
C ASN K 52 -12.86 -6.05 21.09
N ARG K 53 -12.98 -6.76 19.96
CA ARG K 53 -12.14 -6.47 18.77
C ARG K 53 -12.55 -5.13 18.17
N ARG K 54 -13.84 -4.77 18.15
CA ARG K 54 -14.29 -3.44 17.64
C ARG K 54 -13.74 -2.36 18.58
N THR K 55 -13.63 -2.63 19.91
CA THR K 55 -13.09 -1.65 20.87
C THR K 55 -11.63 -1.38 20.51
N LYS K 56 -10.87 -2.44 20.30
CA LYS K 56 -9.46 -2.38 19.92
C LYS K 56 -9.34 -1.61 18.61
N TRP K 57 -10.20 -1.93 17.65
CA TRP K 57 -10.14 -1.40 16.28
C TRP K 57 -10.18 0.13 16.32
N LYS K 58 -11.03 0.71 17.16
CA LYS K 58 -11.19 2.17 17.22
C LYS K 58 -10.33 2.83 18.34
N ARG K 59 -9.40 2.10 18.95
CA ARG K 59 -8.45 2.60 19.99
C ARG K 59 -7.64 3.77 19.40
N GLN K 60 -7.17 4.70 20.24
CA GLN K 60 -6.23 5.77 19.81
C GLN K 60 -4.89 5.71 20.51
N THR K 61 -4.74 4.98 21.62
CA THR K 61 -3.44 4.82 22.32
C THR K 61 -2.32 5.47 21.50
#